data_1EVY
#
_entry.id   1EVY
#
_cell.length_a   70.320
_cell.length_b   70.320
_cell.length_c   210.115
_cell.angle_alpha   90.00
_cell.angle_beta   90.00
_cell.angle_gamma   90.00
#
_symmetry.space_group_name_H-M   'P 41 21 2'
#
loop_
_entity.id
_entity.type
_entity.pdbx_description
1 polymer 'GLYCEROL-3-PHOSPHATE DEHYDROGENASE'
2 non-polymer PENTADECANE
3 water water
#
_entity_poly.entity_id   1
_entity_poly.type   'polypeptide(L)'
_entity_poly.pdbx_seq_one_letter_code
;MSTKQHSAKDELLYLNKAVVFGSGAFGTALAMVLSKKCREVCVWHMNEEEVRLVNEKRENVLFLKGVQLASNITFTSDVE
KAYNGAEIILFVIPTQFLRGFFEKSGGNLIAYAKEKQVPVLVCTKGIERSTLKFPAEIIGEFLPSPLLSVLAGPSFAIEV
ATGVFTCVSIASADINVARRLQRIMSTGDRSFVCWATTDTVGCEVASAVKNVLAIGSGVANGLGMGLNARAALIMRGLLE
IRDLTAALGGDGSAVFGLAGLGDLQLTCSSELSRNFTVGKKLGKGLPIEEIQRTSKAVAEGVATADPLMRLAKQLKVKMP
LCHQIYEIVYKKKNPRDALADLLSCGLQDEGLPPLFKRSASTPSKL
;
_entity_poly.pdbx_strand_id   A
#
# COMPACT_ATOMS: atom_id res chain seq x y z
N LYS A 9 15.90 -11.46 19.32
CA LYS A 9 16.96 -11.82 18.37
C LYS A 9 17.08 -10.84 17.18
N ASP A 10 18.13 -10.01 17.23
CA ASP A 10 18.36 -9.03 16.17
C ASP A 10 19.12 -9.63 14.99
N GLU A 11 19.30 -10.94 15.09
CA GLU A 11 20.00 -11.73 14.10
C GLU A 11 19.14 -11.96 12.86
N LEU A 12 19.66 -11.57 11.71
CA LEU A 12 18.88 -11.73 10.49
C LEU A 12 18.62 -13.19 10.17
N LEU A 13 17.71 -13.43 9.23
CA LEU A 13 17.43 -14.75 8.78
C LEU A 13 17.56 -14.73 7.32
N TYR A 14 18.28 -15.73 6.79
CA TYR A 14 18.48 -15.87 5.34
C TYR A 14 17.71 -17.08 4.87
N LEU A 15 17.23 -17.10 3.65
CA LEU A 15 16.45 -18.21 3.18
C LEU A 15 16.93 -18.69 1.82
N ASN A 16 16.36 -19.86 1.37
CA ASN A 16 16.67 -20.39 0.04
C ASN A 16 15.82 -19.78 -1.01
N LYS A 17 14.50 -19.67 -0.66
CA LYS A 17 13.67 -19.13 -1.72
C LYS A 17 12.53 -18.27 -1.17
N ALA A 18 12.13 -17.35 -2.05
CA ALA A 18 11.04 -16.47 -1.77
C ALA A 18 10.37 -16.23 -3.07
N VAL A 19 9.04 -16.03 -2.99
CA VAL A 19 8.38 -15.72 -4.27
C VAL A 19 7.49 -14.47 -4.00
N VAL A 20 7.31 -13.74 -5.05
CA VAL A 20 6.54 -12.57 -5.01
C VAL A 20 5.47 -12.69 -6.05
N PHE A 21 4.19 -12.73 -5.63
CA PHE A 21 3.12 -12.70 -6.62
C PHE A 21 2.74 -11.24 -6.87
N GLY A 22 3.09 -10.75 -8.06
CA GLY A 22 2.79 -9.36 -8.38
C GLY A 22 4.11 -8.75 -8.86
N SER A 23 4.09 -8.28 -10.10
CA SER A 23 5.29 -7.82 -10.77
C SER A 23 5.31 -6.34 -11.04
N GLY A 24 4.56 -5.56 -10.27
CA GLY A 24 4.60 -4.12 -10.55
C GLY A 24 5.84 -3.55 -9.87
N ALA A 25 5.97 -2.22 -9.88
CA ALA A 25 7.13 -1.57 -9.26
C ALA A 25 7.51 -1.98 -7.85
N PHE A 26 6.51 -1.95 -6.96
CA PHE A 26 6.81 -2.29 -5.57
C PHE A 26 7.18 -3.76 -5.37
N GLY A 27 6.42 -4.65 -6.10
CA GLY A 27 6.72 -6.07 -5.97
C GLY A 27 8.14 -6.29 -6.47
N THR A 28 8.47 -5.73 -7.62
CA THR A 28 9.83 -5.86 -8.13
C THR A 28 10.86 -5.23 -7.14
N ALA A 29 10.53 -4.03 -6.56
CA ALA A 29 11.51 -3.47 -5.63
C ALA A 29 11.75 -4.40 -4.49
N LEU A 30 10.62 -5.01 -4.03
CA LEU A 30 10.72 -5.94 -2.92
C LEU A 30 11.49 -7.24 -3.20
N ALA A 31 11.49 -7.60 -4.47
CA ALA A 31 12.27 -8.79 -4.94
C ALA A 31 13.75 -8.44 -4.80
N MET A 32 14.00 -7.18 -5.21
CA MET A 32 15.37 -6.68 -5.07
C MET A 32 15.83 -6.80 -3.65
N VAL A 33 14.94 -6.38 -2.70
CA VAL A 33 15.30 -6.51 -1.31
C VAL A 33 15.53 -7.96 -0.96
N LEU A 34 14.62 -8.80 -1.37
CA LEU A 34 14.75 -10.20 -0.98
C LEU A 34 15.95 -10.85 -1.68
N SER A 35 16.27 -10.37 -2.85
CA SER A 35 17.42 -11.01 -3.47
C SER A 35 18.66 -10.98 -2.63
N LYS A 36 18.68 -10.21 -1.56
CA LYS A 36 19.87 -10.12 -0.68
C LYS A 36 19.74 -10.91 0.57
N LYS A 37 18.60 -11.58 0.71
CA LYS A 37 18.45 -12.33 1.94
C LYS A 37 18.07 -13.77 1.66
N CYS A 38 17.78 -14.02 0.37
CA CYS A 38 17.32 -15.26 -0.22
C CYS A 38 18.15 -15.71 -1.42
N ARG A 39 18.61 -16.94 -1.41
CA ARG A 39 19.36 -17.41 -2.55
C ARG A 39 18.61 -17.24 -3.85
N GLU A 40 17.33 -17.59 -3.76
CA GLU A 40 16.62 -17.47 -5.00
C GLU A 40 15.31 -16.69 -4.84
N VAL A 41 14.90 -15.99 -5.86
CA VAL A 41 13.66 -15.26 -5.75
C VAL A 41 12.86 -15.32 -7.01
N CYS A 42 11.60 -15.75 -6.88
CA CYS A 42 10.83 -15.68 -8.10
C CYS A 42 9.75 -14.63 -7.95
N VAL A 43 9.45 -14.08 -9.08
CA VAL A 43 8.44 -13.13 -9.22
C VAL A 43 7.44 -13.64 -10.27
N TRP A 44 6.19 -13.92 -9.83
CA TRP A 44 5.10 -14.38 -10.70
C TRP A 44 4.46 -13.27 -11.53
N HIS A 45 4.36 -13.45 -12.83
CA HIS A 45 3.74 -12.48 -13.71
C HIS A 45 2.94 -13.26 -14.78
N MET A 46 1.63 -13.05 -14.89
CA MET A 46 0.74 -13.74 -15.82
C MET A 46 1.16 -13.91 -17.28
N ASN A 47 1.56 -12.85 -18.02
CA ASN A 47 1.99 -12.99 -19.41
C ASN A 47 3.43 -13.56 -19.61
N GLU A 48 3.46 -14.78 -20.15
CA GLU A 48 4.69 -15.52 -20.45
C GLU A 48 5.52 -14.75 -21.43
N GLU A 49 4.82 -14.28 -22.39
CA GLU A 49 5.62 -13.58 -23.31
C GLU A 49 6.42 -12.46 -22.66
N GLU A 50 5.77 -11.73 -21.70
CA GLU A 50 6.31 -10.61 -20.91
C GLU A 50 7.32 -11.14 -19.96
N VAL A 51 7.00 -12.27 -19.35
CA VAL A 51 7.98 -12.89 -18.49
C VAL A 51 9.30 -13.06 -19.24
N ARG A 52 9.24 -13.23 -20.55
CA ARG A 52 10.42 -13.46 -21.37
C ARG A 52 11.27 -12.26 -21.61
N LEU A 53 10.54 -11.29 -22.14
CA LEU A 53 11.12 -10.06 -22.43
C LEU A 53 11.88 -9.57 -21.22
N VAL A 54 11.22 -9.64 -20.08
CA VAL A 54 11.85 -9.16 -18.86
C VAL A 54 13.09 -9.96 -18.48
N ASN A 55 12.96 -11.24 -18.46
CA ASN A 55 14.12 -12.02 -18.07
C ASN A 55 15.25 -11.87 -19.09
N GLU A 56 14.89 -11.55 -20.35
CA GLU A 56 15.98 -11.42 -21.29
C GLU A 56 16.75 -10.20 -20.87
N LYS A 57 15.98 -9.12 -20.82
CA LYS A 57 16.55 -7.86 -20.48
C LYS A 57 17.23 -7.75 -19.11
N ARG A 58 16.99 -8.66 -18.13
CA ARG A 58 17.58 -8.51 -16.79
C ARG A 58 17.02 -7.25 -16.06
N GLU A 59 15.87 -6.75 -16.55
CA GLU A 59 15.23 -5.57 -16.04
C GLU A 59 13.71 -5.59 -16.25
N ASN A 60 12.89 -5.14 -15.28
CA ASN A 60 11.44 -5.12 -15.47
C ASN A 60 11.09 -3.88 -16.26
N VAL A 61 11.10 -3.99 -17.58
CA VAL A 61 10.83 -2.82 -18.40
C VAL A 61 9.40 -2.46 -18.45
N LEU A 62 8.62 -3.30 -17.83
CA LEU A 62 7.23 -2.99 -17.83
C LEU A 62 6.90 -2.03 -16.69
N PHE A 63 7.36 -2.32 -15.47
CA PHE A 63 7.04 -1.51 -14.29
C PHE A 63 8.16 -0.97 -13.47
N LEU A 64 9.36 -1.32 -13.78
CA LEU A 64 10.44 -0.79 -12.96
C LEU A 64 11.60 -0.48 -13.88
N LYS A 65 11.34 0.27 -14.94
CA LYS A 65 12.40 0.61 -15.90
C LYS A 65 13.60 1.32 -15.31
N GLY A 66 14.77 0.98 -15.86
CA GLY A 66 16.05 1.52 -15.41
C GLY A 66 16.72 0.70 -14.27
N VAL A 67 16.03 -0.23 -13.65
CA VAL A 67 16.69 -0.97 -12.61
C VAL A 67 17.10 -2.34 -13.10
N GLN A 68 18.36 -2.60 -13.00
CA GLN A 68 18.80 -3.85 -13.45
C GLN A 68 18.57 -4.79 -12.35
N LEU A 69 17.94 -5.90 -12.71
CA LEU A 69 17.65 -6.89 -11.71
C LEU A 69 18.80 -7.68 -11.22
N ALA A 70 18.71 -8.10 -9.98
CA ALA A 70 19.72 -8.95 -9.48
C ALA A 70 19.64 -10.25 -10.28
N SER A 71 20.80 -10.91 -10.45
CA SER A 71 20.93 -12.16 -11.18
C SER A 71 20.08 -13.27 -10.58
N ASN A 72 19.91 -13.27 -9.26
CA ASN A 72 19.11 -14.28 -8.58
C ASN A 72 17.55 -14.04 -8.61
N ILE A 73 17.10 -13.16 -9.47
CA ILE A 73 15.72 -12.88 -9.57
C ILE A 73 15.20 -13.44 -10.86
N THR A 74 14.12 -14.22 -10.80
CA THR A 74 13.60 -14.68 -12.06
C THR A 74 12.09 -14.60 -12.12
N PHE A 75 11.62 -14.03 -13.18
CA PHE A 75 10.23 -13.91 -13.50
C PHE A 75 9.70 -15.22 -14.13
N THR A 76 8.51 -15.58 -13.75
CA THR A 76 7.89 -16.75 -14.26
C THR A 76 6.39 -16.59 -14.35
N SER A 77 5.81 -17.18 -15.41
CA SER A 77 4.36 -17.20 -15.55
C SER A 77 3.73 -18.43 -14.90
N ASP A 78 4.50 -19.26 -14.22
CA ASP A 78 3.92 -20.45 -13.64
C ASP A 78 3.75 -20.44 -12.15
N VAL A 79 2.48 -20.33 -11.73
CA VAL A 79 2.25 -20.29 -10.31
C VAL A 79 2.94 -21.29 -9.48
N GLU A 80 2.85 -22.55 -9.90
CA GLU A 80 3.38 -23.65 -9.09
C GLU A 80 4.87 -23.66 -8.97
N LYS A 81 5.46 -23.38 -10.12
CA LYS A 81 6.90 -23.31 -10.12
C LYS A 81 7.25 -22.08 -9.28
N ALA A 82 6.55 -20.99 -9.53
CA ALA A 82 6.77 -19.79 -8.75
C ALA A 82 6.80 -20.10 -7.27
N TYR A 83 5.79 -20.73 -6.74
CA TYR A 83 5.96 -20.87 -5.31
C TYR A 83 6.62 -22.07 -4.79
N ASN A 84 6.87 -22.97 -5.71
CA ASN A 84 7.45 -24.21 -5.26
C ASN A 84 8.71 -24.08 -4.39
N GLY A 85 8.69 -24.54 -3.13
CA GLY A 85 9.91 -24.39 -2.36
C GLY A 85 10.07 -23.01 -1.69
N ALA A 86 9.22 -22.01 -1.95
CA ALA A 86 9.37 -20.70 -1.27
C ALA A 86 9.24 -20.80 0.23
N GLU A 87 10.07 -20.08 1.02
CA GLU A 87 9.98 -20.08 2.44
C GLU A 87 9.34 -18.76 2.96
N ILE A 88 8.94 -17.91 2.02
CA ILE A 88 8.20 -16.65 2.31
C ILE A 88 7.47 -16.34 1.03
N ILE A 89 6.20 -15.92 1.22
CA ILE A 89 5.41 -15.55 0.03
C ILE A 89 4.88 -14.12 0.18
N LEU A 90 5.02 -13.34 -0.90
CA LEU A 90 4.55 -11.97 -0.87
C LEU A 90 3.44 -11.79 -1.88
N PHE A 91 2.41 -11.09 -1.48
CA PHE A 91 1.37 -10.77 -2.41
C PHE A 91 1.40 -9.26 -2.68
N VAL A 92 1.39 -8.95 -3.93
CA VAL A 92 1.39 -7.59 -4.42
C VAL A 92 0.41 -7.51 -5.55
N ILE A 93 -0.45 -8.53 -5.68
CA ILE A 93 -1.43 -8.46 -6.75
C ILE A 93 -2.42 -7.35 -6.44
N PRO A 94 -2.84 -6.60 -7.43
CA PRO A 94 -3.78 -5.54 -7.23
C PRO A 94 -5.03 -6.07 -6.64
N THR A 95 -5.58 -5.19 -5.83
CA THR A 95 -6.75 -5.50 -5.05
C THR A 95 -7.85 -6.16 -5.84
N GLN A 96 -8.13 -5.52 -6.95
CA GLN A 96 -9.17 -5.96 -7.83
C GLN A 96 -8.92 -7.33 -8.43
N PHE A 97 -7.72 -7.87 -8.48
CA PHE A 97 -7.51 -9.18 -9.08
C PHE A 97 -7.18 -10.15 -8.01
N LEU A 98 -7.11 -9.63 -6.80
CA LEU A 98 -6.70 -10.49 -5.73
C LEU A 98 -7.57 -11.74 -5.52
N ARG A 99 -8.87 -11.57 -5.27
CA ARG A 99 -9.72 -12.71 -5.01
C ARG A 99 -9.72 -13.70 -6.23
N GLY A 100 -9.84 -13.17 -7.43
CA GLY A 100 -9.81 -13.94 -8.68
C GLY A 100 -8.60 -14.87 -8.74
N PHE A 101 -7.45 -14.33 -8.41
CA PHE A 101 -6.28 -15.13 -8.39
C PHE A 101 -6.41 -16.32 -7.46
N PHE A 102 -6.82 -16.13 -6.23
CA PHE A 102 -6.92 -17.25 -5.34
C PHE A 102 -7.95 -18.23 -5.84
N GLU A 103 -9.00 -17.72 -6.45
CA GLU A 103 -10.08 -18.59 -6.91
C GLU A 103 -9.70 -19.53 -8.04
N LYS A 104 -9.13 -18.90 -9.04
CA LYS A 104 -8.70 -19.57 -10.23
C LYS A 104 -7.31 -20.26 -10.21
N SER A 105 -6.33 -19.75 -9.45
CA SER A 105 -5.00 -20.31 -9.47
C SER A 105 -4.30 -20.58 -8.17
N GLY A 106 -5.00 -20.36 -7.04
CA GLY A 106 -4.26 -20.57 -5.84
C GLY A 106 -4.59 -21.80 -5.08
N GLY A 107 -5.36 -22.73 -5.70
CA GLY A 107 -5.65 -23.89 -4.85
C GLY A 107 -4.47 -24.66 -4.33
N ASN A 108 -3.49 -24.88 -5.21
CA ASN A 108 -2.31 -25.64 -4.75
C ASN A 108 -1.43 -24.82 -3.79
N LEU A 109 -1.22 -23.57 -4.24
CA LEU A 109 -0.45 -22.59 -3.43
C LEU A 109 -0.95 -22.56 -1.98
N ILE A 110 -2.29 -22.39 -1.83
CA ILE A 110 -2.85 -22.33 -0.49
C ILE A 110 -2.54 -23.56 0.30
N ALA A 111 -2.70 -24.69 -0.40
CA ALA A 111 -2.46 -25.97 0.24
C ALA A 111 -1.02 -26.02 0.74
N TYR A 112 -0.14 -25.56 -0.14
CA TYR A 112 1.29 -25.54 0.24
C TYR A 112 1.55 -24.68 1.45
N ALA A 113 1.11 -23.42 1.33
CA ALA A 113 1.32 -22.45 2.41
C ALA A 113 0.81 -23.03 3.69
N LYS A 114 -0.38 -23.56 3.56
CA LYS A 114 -0.88 -24.09 4.78
C LYS A 114 -0.08 -25.37 5.23
N GLU A 115 0.23 -26.27 4.29
CA GLU A 115 0.93 -27.51 4.64
C GLU A 115 2.24 -27.21 5.31
N LYS A 116 3.03 -26.42 4.57
CA LYS A 116 4.32 -26.03 5.04
C LYS A 116 4.26 -24.86 6.01
N GLN A 117 3.08 -24.27 6.27
CA GLN A 117 3.07 -23.13 7.17
C GLN A 117 3.98 -21.91 6.68
N VAL A 118 4.09 -21.63 5.35
CA VAL A 118 4.96 -20.57 4.84
C VAL A 118 4.42 -19.20 5.23
N PRO A 119 5.18 -18.27 5.92
CA PRO A 119 4.70 -16.91 6.26
C PRO A 119 4.39 -16.13 4.99
N VAL A 120 3.26 -15.41 5.00
CA VAL A 120 2.76 -14.65 3.85
C VAL A 120 2.82 -13.15 4.16
N LEU A 121 3.30 -12.36 3.22
CA LEU A 121 3.46 -10.93 3.50
C LEU A 121 2.60 -10.18 2.57
N VAL A 122 1.58 -9.52 3.15
CA VAL A 122 0.72 -8.78 2.28
C VAL A 122 1.24 -7.35 2.05
N CYS A 123 1.40 -7.01 0.78
CA CYS A 123 1.91 -5.73 0.29
C CYS A 123 0.94 -5.03 -0.63
N THR A 124 -0.21 -5.66 -0.96
CA THR A 124 -1.26 -5.11 -1.79
C THR A 124 -2.00 -4.08 -0.92
N LYS A 125 -2.45 -2.99 -1.53
CA LYS A 125 -3.14 -1.91 -0.79
C LYS A 125 -4.39 -1.49 -1.58
N GLY A 126 -5.52 -1.23 -0.91
CA GLY A 126 -6.71 -0.82 -1.60
C GLY A 126 -7.93 -1.36 -0.87
N ILE A 127 -9.10 -1.17 -1.47
CA ILE A 127 -10.34 -1.66 -0.90
C ILE A 127 -11.07 -2.39 -2.01
N GLU A 128 -11.48 -3.63 -1.76
CA GLU A 128 -12.23 -4.37 -2.82
C GLU A 128 -13.63 -3.79 -2.98
N ARG A 129 -14.02 -3.49 -4.20
CA ARG A 129 -15.31 -2.86 -4.33
C ARG A 129 -16.48 -3.66 -3.97
N SER A 130 -16.39 -4.96 -4.16
CA SER A 130 -17.59 -5.70 -3.87
C SER A 130 -17.86 -5.97 -2.41
N THR A 131 -16.81 -6.14 -1.63
CA THR A 131 -17.04 -6.46 -0.25
C THR A 131 -16.57 -5.29 0.67
N LEU A 132 -15.89 -4.23 0.14
CA LEU A 132 -15.37 -3.18 1.04
C LEU A 132 -14.38 -3.72 2.04
N LYS A 133 -13.67 -4.79 1.65
CA LYS A 133 -12.67 -5.42 2.50
C LYS A 133 -11.25 -5.02 2.01
N PHE A 134 -10.24 -5.03 2.91
CA PHE A 134 -8.83 -4.64 2.56
C PHE A 134 -8.10 -5.96 2.15
N PRO A 135 -6.96 -5.81 1.51
CA PRO A 135 -6.17 -6.97 1.00
C PRO A 135 -5.88 -8.13 1.93
N ALA A 136 -5.27 -7.88 3.06
CA ALA A 136 -5.01 -8.98 3.92
C ALA A 136 -6.28 -9.61 4.41
N GLU A 137 -7.38 -8.84 4.48
CA GLU A 137 -8.63 -9.44 4.95
C GLU A 137 -9.14 -10.42 3.86
N ILE A 138 -9.01 -10.02 2.58
CA ILE A 138 -9.42 -10.88 1.47
C ILE A 138 -8.52 -12.13 1.45
N ILE A 139 -7.20 -11.95 1.57
CA ILE A 139 -6.30 -13.10 1.59
C ILE A 139 -6.64 -14.06 2.73
N GLY A 140 -7.00 -13.48 3.87
CA GLY A 140 -7.39 -14.18 5.10
C GLY A 140 -8.67 -15.05 4.87
N GLU A 141 -9.33 -14.86 3.77
CA GLU A 141 -10.50 -15.73 3.54
C GLU A 141 -9.99 -17.08 2.97
N PHE A 142 -8.75 -17.02 2.50
CA PHE A 142 -8.05 -18.15 1.88
C PHE A 142 -6.92 -18.71 2.69
N LEU A 143 -6.12 -17.88 3.34
CA LEU A 143 -5.05 -18.34 4.18
C LEU A 143 -5.30 -18.01 5.63
N PRO A 144 -4.81 -18.83 6.52
CA PRO A 144 -4.99 -18.58 7.95
C PRO A 144 -4.26 -17.33 8.45
N SER A 145 -4.99 -16.51 9.19
CA SER A 145 -4.53 -15.27 9.85
C SER A 145 -3.14 -15.33 10.48
N PRO A 146 -2.78 -16.42 11.08
CA PRO A 146 -1.47 -16.60 11.69
C PRO A 146 -0.35 -16.60 10.70
N LEU A 147 -0.64 -16.91 9.49
CA LEU A 147 0.39 -16.89 8.51
C LEU A 147 0.44 -15.46 7.97
N LEU A 148 -0.48 -14.53 8.41
CA LEU A 148 -0.59 -13.20 7.78
C LEU A 148 0.05 -12.00 8.40
N SER A 149 0.81 -11.28 7.57
CA SER A 149 1.48 -10.07 8.04
C SER A 149 1.27 -9.05 6.97
N VAL A 150 1.43 -7.79 7.38
CA VAL A 150 1.30 -6.67 6.37
C VAL A 150 2.56 -5.80 6.42
N LEU A 151 2.98 -5.39 5.23
CA LEU A 151 4.18 -4.54 5.11
C LEU A 151 3.75 -3.13 4.66
N ALA A 152 4.12 -2.10 5.44
CA ALA A 152 3.68 -0.77 5.05
C ALA A 152 4.64 0.25 5.66
N GLY A 153 4.83 1.37 4.93
CA GLY A 153 5.76 2.42 5.37
C GLY A 153 6.09 3.31 4.16
N PRO A 154 6.86 4.36 4.41
CA PRO A 154 7.25 5.29 3.37
C PRO A 154 8.33 4.60 2.51
N SER A 155 7.93 4.13 1.32
CA SER A 155 8.83 3.35 0.50
C SER A 155 8.64 3.44 -0.99
N PHE A 156 9.06 4.55 -1.56
CA PHE A 156 9.01 4.73 -2.98
C PHE A 156 9.82 3.53 -3.57
N ALA A 157 9.26 2.87 -4.56
CA ALA A 157 9.90 1.66 -5.12
C ALA A 157 11.28 1.83 -5.67
N ILE A 158 11.48 2.91 -6.37
CA ILE A 158 12.80 3.09 -6.95
C ILE A 158 13.86 3.18 -5.92
N GLU A 159 13.51 3.84 -4.82
CA GLU A 159 14.55 3.93 -3.85
C GLU A 159 14.75 2.58 -3.18
N VAL A 160 13.66 1.89 -2.92
CA VAL A 160 13.79 0.57 -2.23
C VAL A 160 14.61 -0.34 -3.19
N ALA A 161 14.24 -0.27 -4.50
CA ALA A 161 14.91 -1.11 -5.50
C ALA A 161 16.42 -0.89 -5.60
N THR A 162 16.87 0.36 -5.52
CA THR A 162 18.27 0.74 -5.58
C THR A 162 18.96 0.71 -4.27
N GLY A 163 18.30 0.21 -3.24
CA GLY A 163 19.00 0.07 -1.96
C GLY A 163 19.16 1.36 -1.15
N VAL A 164 18.42 2.44 -1.50
CA VAL A 164 18.54 3.72 -0.75
C VAL A 164 17.75 3.55 0.57
N PHE A 165 18.32 3.99 1.70
CA PHE A 165 17.80 3.88 3.07
C PHE A 165 16.32 4.10 3.18
N THR A 166 15.66 3.03 3.69
CA THR A 166 14.21 2.93 3.80
C THR A 166 13.81 2.21 5.06
N CYS A 167 12.72 2.69 5.71
CA CYS A 167 12.23 2.07 6.92
C CYS A 167 10.80 1.76 6.66
N VAL A 168 10.33 0.60 7.11
CA VAL A 168 8.96 0.14 6.97
C VAL A 168 8.55 -0.53 8.25
N SER A 169 7.23 -0.71 8.29
CA SER A 169 6.78 -1.45 9.43
C SER A 169 6.17 -2.77 8.91
N ILE A 170 6.22 -3.78 9.76
CA ILE A 170 5.61 -5.06 9.40
C ILE A 170 4.61 -5.35 10.56
N ALA A 171 3.37 -5.56 10.21
CA ALA A 171 2.29 -5.78 11.17
C ALA A 171 1.63 -7.17 11.09
N SER A 172 1.42 -7.64 12.30
CA SER A 172 0.78 -8.90 12.59
C SER A 172 0.10 -8.84 13.97
N ALA A 173 -1.16 -9.32 14.07
CA ALA A 173 -1.87 -9.36 15.41
C ALA A 173 -0.97 -10.00 16.45
N ASP A 174 -0.29 -11.05 16.03
CA ASP A 174 0.69 -11.69 16.89
C ASP A 174 2.05 -11.01 16.56
N ILE A 175 2.49 -10.11 17.45
CA ILE A 175 3.70 -9.38 17.27
C ILE A 175 4.84 -10.34 16.92
N ASN A 176 4.77 -11.56 17.41
CA ASN A 176 5.82 -12.53 17.16
C ASN A 176 5.98 -12.93 15.70
N VAL A 177 4.90 -12.99 14.94
CA VAL A 177 5.02 -13.31 13.52
C VAL A 177 5.69 -12.12 12.86
N ALA A 178 5.26 -10.89 13.25
CA ALA A 178 5.85 -9.67 12.71
C ALA A 178 7.38 -9.67 12.95
N ARG A 179 7.80 -9.99 14.19
CA ARG A 179 9.23 -10.04 14.51
C ARG A 179 10.03 -11.02 13.65
N ARG A 180 9.41 -12.15 13.32
CA ARG A 180 10.12 -13.10 12.46
C ARG A 180 10.29 -12.52 11.04
N LEU A 181 9.21 -12.04 10.46
CA LEU A 181 9.26 -11.48 9.15
C LEU A 181 10.29 -10.31 9.14
N GLN A 182 10.38 -9.67 10.29
CA GLN A 182 11.30 -8.59 10.47
C GLN A 182 12.73 -9.07 10.16
N ARG A 183 13.09 -10.22 10.72
CA ARG A 183 14.39 -10.83 10.55
C ARG A 183 14.64 -11.30 9.14
N ILE A 184 13.59 -11.48 8.36
CA ILE A 184 13.77 -11.89 7.02
C ILE A 184 13.84 -10.73 6.06
N MET A 185 12.90 -9.82 6.18
CA MET A 185 12.87 -8.65 5.30
C MET A 185 14.01 -7.62 5.53
N SER A 186 14.58 -7.52 6.71
CA SER A 186 15.64 -6.54 6.99
C SER A 186 17.00 -6.89 6.39
N THR A 187 17.67 -5.93 5.70
CA THR A 187 18.94 -6.21 5.03
C THR A 187 20.19 -6.22 5.85
N GLY A 188 21.18 -6.97 5.32
CA GLY A 188 22.43 -7.06 6.00
C GLY A 188 23.16 -5.69 6.05
N ASP A 189 22.93 -4.86 5.05
CA ASP A 189 23.61 -3.57 5.06
C ASP A 189 22.79 -2.49 5.83
N ARG A 190 21.73 -2.88 6.55
CA ARG A 190 20.88 -1.91 7.26
C ARG A 190 20.30 -0.85 6.31
N SER A 191 20.07 -1.17 5.02
CA SER A 191 19.51 -0.21 4.07
C SER A 191 18.00 -0.34 4.02
N PHE A 192 17.45 -1.47 4.51
CA PHE A 192 15.98 -1.75 4.53
C PHE A 192 15.77 -2.24 5.92
N VAL A 193 15.19 -1.35 6.75
CA VAL A 193 14.99 -1.53 8.20
C VAL A 193 13.51 -1.66 8.51
N CYS A 194 13.14 -2.72 9.19
CA CYS A 194 11.77 -3.06 9.51
C CYS A 194 11.51 -2.88 10.98
N TRP A 195 10.31 -2.39 11.31
CA TRP A 195 9.93 -2.25 12.70
C TRP A 195 8.65 -3.07 12.87
N ALA A 196 8.60 -3.76 14.00
CA ALA A 196 7.41 -4.59 14.26
C ALA A 196 6.22 -3.81 14.90
N THR A 197 4.98 -4.16 14.50
CA THR A 197 3.80 -3.58 15.11
C THR A 197 2.68 -4.62 15.06
N THR A 198 1.68 -4.41 15.87
CA THR A 198 0.53 -5.34 15.80
C THR A 198 -0.62 -4.75 14.96
N ASP A 199 -0.56 -3.49 14.61
CA ASP A 199 -1.71 -2.86 13.96
C ASP A 199 -2.02 -3.16 12.51
N THR A 200 -2.42 -4.37 12.17
CA THR A 200 -2.70 -4.58 10.73
C THR A 200 -3.77 -3.68 10.13
N VAL A 201 -4.80 -3.46 10.92
CA VAL A 201 -5.90 -2.70 10.33
C VAL A 201 -5.42 -1.30 10.07
N GLY A 202 -4.74 -0.71 11.07
CA GLY A 202 -4.30 0.66 10.81
C GLY A 202 -3.44 0.76 9.55
N CYS A 203 -2.54 -0.25 9.38
CA CYS A 203 -1.72 -0.21 8.17
C CYS A 203 -2.56 -0.28 6.95
N GLU A 204 -3.56 -1.17 6.95
CA GLU A 204 -4.32 -1.23 5.68
C GLU A 204 -5.17 -0.01 5.43
N VAL A 205 -5.76 0.50 6.49
CA VAL A 205 -6.56 1.73 6.28
C VAL A 205 -5.64 2.84 5.75
N ALA A 206 -4.54 3.04 6.42
CA ALA A 206 -3.68 4.12 5.93
C ALA A 206 -3.24 3.94 4.50
N SER A 207 -2.89 2.66 4.15
CA SER A 207 -2.39 2.38 2.80
C SER A 207 -3.36 2.71 1.73
N ALA A 208 -4.61 2.54 2.08
CA ALA A 208 -5.59 2.86 1.10
C ALA A 208 -5.99 4.39 1.13
N VAL A 209 -6.25 4.94 2.34
CA VAL A 209 -6.69 6.32 2.45
C VAL A 209 -5.66 7.28 1.88
N LYS A 210 -4.40 7.00 2.10
CA LYS A 210 -3.37 7.93 1.61
C LYS A 210 -3.51 8.29 0.19
N ASN A 211 -4.03 7.38 -0.60
CA ASN A 211 -4.16 7.69 -2.04
C ASN A 211 -5.23 8.69 -2.32
N VAL A 212 -6.29 8.53 -1.57
CA VAL A 212 -7.37 9.46 -1.65
C VAL A 212 -6.82 10.81 -1.16
N LEU A 213 -6.18 10.83 -0.02
CA LEU A 213 -5.64 12.08 0.48
C LEU A 213 -4.67 12.76 -0.50
N ALA A 214 -3.91 11.96 -1.23
CA ALA A 214 -2.92 12.50 -2.16
C ALA A 214 -3.55 13.28 -3.28
N ILE A 215 -4.77 12.91 -3.60
CA ILE A 215 -5.45 13.64 -4.64
C ILE A 215 -5.80 15.04 -4.07
N GLY A 216 -6.24 15.10 -2.78
CA GLY A 216 -6.55 16.36 -2.08
C GLY A 216 -5.30 17.26 -2.13
N SER A 217 -4.15 16.67 -1.95
CA SER A 217 -2.88 17.37 -1.98
C SER A 217 -2.61 18.04 -3.30
N GLY A 218 -2.95 17.34 -4.36
CA GLY A 218 -2.72 17.96 -5.66
C GLY A 218 -3.77 19.03 -5.86
N VAL A 219 -4.98 18.73 -5.36
CA VAL A 219 -6.09 19.68 -5.45
C VAL A 219 -5.56 21.00 -4.83
N ALA A 220 -5.07 20.91 -3.61
CA ALA A 220 -4.56 22.09 -2.96
C ALA A 220 -3.49 22.75 -3.80
N ASN A 221 -2.65 22.00 -4.44
CA ASN A 221 -1.62 22.62 -5.27
C ASN A 221 -2.22 23.30 -6.49
N GLY A 222 -3.16 22.63 -7.10
CA GLY A 222 -3.78 23.25 -8.26
C GLY A 222 -4.69 24.45 -7.90
N LEU A 223 -5.06 24.62 -6.66
CA LEU A 223 -5.95 25.71 -6.22
C LEU A 223 -5.13 26.99 -5.85
N GLY A 224 -3.81 26.91 -5.84
CA GLY A 224 -2.96 28.04 -5.49
C GLY A 224 -2.33 27.96 -4.09
N MET A 225 -2.75 26.96 -3.29
CA MET A 225 -2.23 26.80 -1.95
C MET A 225 -0.82 26.38 -1.92
N GLY A 226 -0.20 26.44 -0.75
CA GLY A 226 1.20 26.12 -0.74
C GLY A 226 1.49 24.97 0.23
N LEU A 227 2.73 24.93 0.70
CA LEU A 227 3.19 23.88 1.60
C LEU A 227 2.55 23.90 2.97
N ASN A 228 2.09 25.08 3.45
CA ASN A 228 1.49 25.07 4.77
C ASN A 228 0.20 24.29 4.63
N ALA A 229 -0.48 24.55 3.53
CA ALA A 229 -1.76 23.88 3.35
C ALA A 229 -1.62 22.33 3.24
N ARG A 230 -0.54 21.88 2.59
CA ARG A 230 -0.29 20.43 2.41
C ARG A 230 -0.03 19.82 3.77
N ALA A 231 0.75 20.55 4.58
CA ALA A 231 1.06 20.04 5.91
C ALA A 231 -0.20 19.93 6.72
N ALA A 232 -1.15 20.84 6.55
CA ALA A 232 -2.38 20.72 7.30
C ALA A 232 -3.26 19.61 6.76
N LEU A 233 -3.25 19.41 5.43
CA LEU A 233 -4.05 18.31 4.83
C LEU A 233 -3.55 16.93 5.37
N ILE A 234 -2.28 16.78 5.46
CA ILE A 234 -1.69 15.57 6.01
C ILE A 234 -2.11 15.38 7.45
N MET A 235 -1.98 16.46 8.29
CA MET A 235 -2.33 16.38 9.73
CA MET A 235 -2.33 16.31 9.71
C MET A 235 -3.79 16.13 9.98
N ARG A 236 -4.66 16.81 9.21
CA ARG A 236 -6.08 16.60 9.49
C ARG A 236 -6.54 15.25 8.88
N GLY A 237 -5.92 14.92 7.71
CA GLY A 237 -6.23 13.69 6.97
C GLY A 237 -5.94 12.47 7.84
N LEU A 238 -4.84 12.52 8.52
CA LEU A 238 -4.48 11.44 9.41
C LEU A 238 -5.54 11.11 10.44
N LEU A 239 -6.25 12.15 10.93
CA LEU A 239 -7.25 11.80 11.93
C LEU A 239 -8.36 11.01 11.29
N GLU A 240 -8.60 11.21 9.97
CA GLU A 240 -9.64 10.46 9.30
C GLU A 240 -9.19 8.96 9.23
N ILE A 241 -7.91 8.77 9.02
CA ILE A 241 -7.34 7.40 9.00
C ILE A 241 -7.51 6.85 10.38
N ARG A 242 -7.19 7.66 11.37
CA ARG A 242 -7.33 7.20 12.75
C ARG A 242 -8.76 6.80 13.05
N ASP A 243 -9.70 7.67 12.67
CA ASP A 243 -11.09 7.36 13.00
C ASP A 243 -11.66 6.13 12.27
N LEU A 244 -11.30 5.96 10.97
CA LEU A 244 -11.80 4.81 10.26
C LEU A 244 -11.18 3.56 10.87
N THR A 245 -9.93 3.67 11.29
CA THR A 245 -9.28 2.52 11.94
C THR A 245 -10.01 2.06 13.20
N ALA A 246 -10.41 3.01 14.03
CA ALA A 246 -11.07 2.62 15.27
C ALA A 246 -12.37 1.86 14.96
N ALA A 247 -13.07 2.37 13.99
CA ALA A 247 -14.34 1.83 13.57
C ALA A 247 -14.25 0.42 13.03
N LEU A 248 -13.15 0.13 12.37
CA LEU A 248 -12.92 -1.16 11.79
C LEU A 248 -12.36 -2.11 12.83
N GLY A 249 -12.18 -1.68 14.07
CA GLY A 249 -11.64 -2.57 15.08
C GLY A 249 -10.10 -2.64 15.21
N GLY A 250 -9.39 -1.70 14.59
CA GLY A 250 -7.97 -1.73 14.70
C GLY A 250 -7.50 -1.17 16.02
N ASP A 251 -6.28 -1.50 16.43
CA ASP A 251 -5.85 -0.96 17.70
C ASP A 251 -5.25 0.45 17.55
N GLY A 252 -4.98 0.83 16.30
CA GLY A 252 -4.46 2.17 15.94
C GLY A 252 -2.98 2.46 16.22
N SER A 253 -2.24 1.54 16.85
CA SER A 253 -0.85 1.82 17.07
C SER A 253 -0.05 2.09 15.79
N ALA A 254 -0.55 1.89 14.58
CA ALA A 254 0.33 2.22 13.44
C ALA A 254 0.04 3.59 12.87
N VAL A 255 -1.08 4.17 13.29
CA VAL A 255 -1.49 5.47 12.71
C VAL A 255 -0.40 6.52 12.73
N PHE A 256 0.22 6.62 13.90
CA PHE A 256 1.24 7.64 14.03
C PHE A 256 2.61 7.05 13.77
N GLY A 257 2.65 5.89 13.13
CA GLY A 257 3.99 5.33 12.86
C GLY A 257 4.34 5.40 11.37
N LEU A 258 5.29 4.57 10.93
CA LEU A 258 5.71 4.63 9.53
C LEU A 258 4.64 4.34 8.50
N ALA A 259 3.74 3.38 8.83
CA ALA A 259 2.73 3.02 7.92
C ALA A 259 1.64 4.04 7.80
N GLY A 260 1.39 4.86 8.86
CA GLY A 260 0.31 5.83 8.78
C GLY A 260 0.93 7.15 8.46
N LEU A 261 1.35 7.85 9.48
CA LEU A 261 1.93 9.15 9.21
C LEU A 261 3.06 9.16 8.19
N GLY A 262 4.05 8.32 8.45
CA GLY A 262 5.20 8.29 7.57
C GLY A 262 4.81 8.14 6.12
N ASP A 263 4.03 7.11 5.81
CA ASP A 263 3.74 6.92 4.38
C ASP A 263 2.85 7.98 3.84
N LEU A 264 1.94 8.45 4.72
CA LEU A 264 0.98 9.50 4.21
C LEU A 264 1.71 10.79 3.79
N GLN A 265 2.65 11.18 4.67
CA GLN A 265 3.39 12.36 4.37
C GLN A 265 4.20 12.20 3.09
N LEU A 266 4.80 11.04 2.89
CA LEU A 266 5.56 10.86 1.64
C LEU A 266 4.69 10.83 0.45
N THR A 267 3.56 10.17 0.58
CA THR A 267 2.67 10.06 -0.58
C THR A 267 2.02 11.37 -0.93
N CYS A 268 1.66 12.20 0.09
CA CYS A 268 1.03 13.48 -0.24
C CYS A 268 2.03 14.50 -0.87
N SER A 269 3.31 14.26 -0.66
CA SER A 269 4.30 15.18 -1.26
C SER A 269 4.91 14.64 -2.53
N SER A 270 4.41 13.53 -3.09
CA SER A 270 5.04 13.04 -4.32
C SER A 270 4.42 13.76 -5.51
N GLU A 271 5.04 14.91 -5.85
CA GLU A 271 4.51 15.82 -6.87
C GLU A 271 4.28 15.25 -8.23
N LEU A 272 5.10 14.28 -8.55
CA LEU A 272 4.92 13.73 -9.85
C LEU A 272 4.01 12.52 -9.94
N SER A 273 3.53 12.09 -8.75
CA SER A 273 2.63 10.95 -8.64
C SER A 273 1.30 11.25 -9.38
N ARG A 274 0.67 10.18 -9.83
CA ARG A 274 -0.53 10.31 -10.57
C ARG A 274 -1.67 10.85 -9.75
N ASN A 275 -1.70 10.47 -8.46
CA ASN A 275 -2.79 10.97 -7.57
C ASN A 275 -2.67 12.49 -7.55
N PHE A 276 -1.44 12.95 -7.33
CA PHE A 276 -1.10 14.38 -7.22
C PHE A 276 -1.43 15.12 -8.52
N THR A 277 -0.92 14.59 -9.64
CA THR A 277 -1.19 15.25 -10.91
C THR A 277 -2.67 15.29 -11.23
N VAL A 278 -3.38 14.20 -10.93
CA VAL A 278 -4.81 14.22 -11.17
C VAL A 278 -5.49 15.29 -10.27
N GLY A 279 -5.04 15.34 -9.00
CA GLY A 279 -5.65 16.32 -8.11
C GLY A 279 -5.30 17.75 -8.56
N LYS A 280 -4.10 17.94 -9.02
CA LYS A 280 -3.73 19.25 -9.49
C LYS A 280 -4.61 19.69 -10.67
N LYS A 281 -4.90 18.75 -11.59
CA LYS A 281 -5.77 19.07 -12.72
C LYS A 281 -7.12 19.46 -12.26
N LEU A 282 -7.65 18.64 -11.40
CA LEU A 282 -8.96 18.98 -10.92
C LEU A 282 -9.00 20.35 -10.23
N GLY A 283 -7.97 20.62 -9.44
CA GLY A 283 -7.77 21.84 -8.70
C GLY A 283 -7.66 23.00 -9.68
N LYS A 284 -6.99 22.74 -10.81
CA LYS A 284 -6.88 23.75 -11.86
C LYS A 284 -8.19 23.82 -12.66
N GLY A 285 -9.26 23.13 -12.20
CA GLY A 285 -10.55 23.17 -12.89
C GLY A 285 -10.86 22.08 -13.94
N LEU A 286 -9.90 21.24 -14.38
CA LEU A 286 -10.18 20.20 -15.36
C LEU A 286 -11.12 19.16 -14.78
N PRO A 287 -12.08 18.74 -15.60
CA PRO A 287 -13.04 17.74 -15.23
C PRO A 287 -12.38 16.38 -15.36
N ILE A 288 -12.94 15.48 -14.58
CA ILE A 288 -12.41 14.16 -14.53
C ILE A 288 -12.28 13.43 -15.86
N GLU A 289 -13.31 13.51 -16.70
CA GLU A 289 -13.32 12.83 -18.01
C GLU A 289 -12.16 13.23 -18.84
N GLU A 290 -12.04 14.52 -18.91
CA GLU A 290 -10.96 15.06 -19.65
C GLU A 290 -9.69 14.59 -19.00
N ILE A 291 -9.70 14.62 -17.69
CA ILE A 291 -8.47 14.18 -17.07
C ILE A 291 -8.34 12.73 -17.42
N GLN A 292 -9.49 12.12 -17.44
CA GLN A 292 -9.47 10.71 -17.72
C GLN A 292 -9.01 10.41 -19.15
N ARG A 293 -9.58 11.13 -20.14
CA ARG A 293 -9.22 10.98 -21.55
C ARG A 293 -7.70 10.98 -21.83
N ALA A 297 -3.66 5.13 -17.28
CA ALA A 297 -4.08 4.37 -16.09
C ALA A 297 -4.91 5.14 -15.06
N VAL A 298 -5.57 4.39 -14.16
CA VAL A 298 -6.34 5.03 -13.10
C VAL A 298 -5.45 5.41 -11.91
N ALA A 299 -5.74 6.61 -11.36
CA ALA A 299 -4.98 7.00 -10.18
C ALA A 299 -5.60 6.15 -9.05
N GLU A 300 -4.74 5.62 -8.24
CA GLU A 300 -5.19 4.82 -7.13
C GLU A 300 -6.21 5.57 -6.26
N GLY A 301 -5.97 6.87 -6.07
CA GLY A 301 -6.92 7.57 -5.23
C GLY A 301 -8.28 7.71 -5.88
N VAL A 302 -8.31 7.81 -7.22
CA VAL A 302 -9.64 7.94 -7.81
C VAL A 302 -10.46 6.69 -7.60
N ALA A 303 -9.83 5.53 -7.89
CA ALA A 303 -10.52 4.24 -7.71
C ALA A 303 -10.91 4.00 -6.27
N THR A 304 -10.01 4.30 -5.32
CA THR A 304 -10.29 4.06 -3.91
C THR A 304 -11.37 4.99 -3.30
N ALA A 305 -11.49 6.20 -3.82
CA ALA A 305 -12.47 7.14 -3.25
C ALA A 305 -13.88 6.67 -3.08
N ASP A 306 -14.41 5.95 -4.06
CA ASP A 306 -15.80 5.53 -3.92
C ASP A 306 -16.02 4.41 -2.88
N PRO A 307 -15.21 3.33 -2.94
CA PRO A 307 -15.40 2.29 -1.95
C PRO A 307 -15.07 2.84 -0.58
N LEU A 308 -14.10 3.75 -0.51
CA LEU A 308 -13.80 4.33 0.84
C LEU A 308 -15.03 5.00 1.46
N MET A 309 -15.64 5.83 0.62
CA MET A 309 -16.82 6.57 1.00
C MET A 309 -17.96 5.59 1.37
N ARG A 310 -18.13 4.47 0.62
CA ARG A 310 -19.23 3.60 1.01
C ARG A 310 -18.95 2.93 2.34
N LEU A 311 -17.68 2.60 2.50
CA LEU A 311 -17.29 1.96 3.77
C LEU A 311 -17.51 2.90 4.96
N ALA A 312 -17.06 4.19 4.81
CA ALA A 312 -17.23 5.22 5.87
C ALA A 312 -18.72 5.42 6.25
N LYS A 313 -19.55 5.53 5.19
CA LYS A 313 -20.97 5.66 5.43
C LYS A 313 -21.49 4.43 6.18
N GLN A 314 -21.13 3.24 5.74
CA GLN A 314 -21.63 2.08 6.46
C GLN A 314 -21.24 2.04 7.92
N LEU A 315 -20.05 2.58 8.23
CA LEU A 315 -19.58 2.52 9.58
C LEU A 315 -19.90 3.81 10.32
N LYS A 316 -20.48 4.72 9.57
CA LYS A 316 -20.85 6.03 10.15
C LYS A 316 -19.60 6.77 10.59
N VAL A 317 -18.59 6.76 9.76
CA VAL A 317 -17.40 7.46 10.12
C VAL A 317 -17.29 8.70 9.27
N LYS A 318 -17.23 9.87 9.88
CA LYS A 318 -17.10 11.10 9.04
C LYS A 318 -15.66 11.23 8.66
N MET A 319 -15.43 11.59 7.41
CA MET A 319 -14.06 11.76 6.89
C MET A 319 -14.10 12.97 6.03
N PRO A 320 -14.04 14.12 6.66
CA PRO A 320 -14.24 15.37 5.99
C PRO A 320 -13.55 15.60 4.70
N LEU A 321 -12.21 15.43 4.72
CA LEU A 321 -11.36 15.64 3.55
C LEU A 321 -11.66 14.60 2.47
N CYS A 322 -11.72 13.31 2.87
CA CYS A 322 -11.99 12.22 1.92
C CYS A 322 -13.32 12.41 1.25
N HIS A 323 -14.28 12.86 2.03
CA HIS A 323 -15.59 13.10 1.49
C HIS A 323 -15.61 14.16 0.41
N GLN A 324 -14.98 15.33 0.65
CA GLN A 324 -14.95 16.41 -0.34
C GLN A 324 -14.13 15.94 -1.52
N ILE A 325 -13.07 15.16 -1.23
CA ILE A 325 -12.25 14.65 -2.34
C ILE A 325 -13.11 13.71 -3.22
N TYR A 326 -13.92 12.89 -2.58
CA TYR A 326 -14.81 12.04 -3.37
C TYR A 326 -15.85 12.86 -4.20
N GLU A 327 -16.37 13.91 -3.57
CA GLU A 327 -17.33 14.73 -4.28
C GLU A 327 -16.66 15.44 -5.43
N ILE A 328 -15.45 15.89 -5.23
CA ILE A 328 -14.80 16.56 -6.35
C ILE A 328 -14.51 15.56 -7.46
N VAL A 329 -14.09 14.37 -7.09
CA VAL A 329 -13.76 13.40 -8.12
C VAL A 329 -14.96 12.77 -8.79
N TYR A 330 -15.95 12.44 -7.99
CA TYR A 330 -17.11 11.74 -8.47
C TYR A 330 -18.30 12.53 -8.95
N LYS A 331 -18.67 13.52 -8.15
CA LYS A 331 -19.85 14.31 -8.41
C LYS A 331 -19.64 15.72 -8.91
N LYS A 332 -18.59 15.95 -9.67
CA LYS A 332 -18.29 17.24 -10.28
C LYS A 332 -18.16 18.49 -9.39
N LYS A 333 -18.09 18.28 -8.10
CA LYS A 333 -17.97 19.41 -7.20
C LYS A 333 -16.83 20.37 -7.47
N ASN A 334 -17.18 21.62 -7.51
CA ASN A 334 -16.16 22.59 -7.69
C ASN A 334 -15.33 22.53 -6.42
N PRO A 335 -14.04 22.48 -6.63
CA PRO A 335 -13.06 22.40 -5.58
C PRO A 335 -13.09 23.52 -4.58
N ARG A 336 -13.33 24.72 -5.11
CA ARG A 336 -13.37 25.90 -4.28
C ARG A 336 -14.59 25.83 -3.36
N ASP A 337 -15.65 25.24 -3.89
CA ASP A 337 -16.85 25.05 -3.09
C ASP A 337 -16.62 23.99 -2.05
N ALA A 338 -15.90 22.95 -2.48
CA ALA A 338 -15.60 21.87 -1.55
C ALA A 338 -14.77 22.44 -0.40
N LEU A 339 -13.75 23.29 -0.74
CA LEU A 339 -12.89 23.86 0.31
C LEU A 339 -13.69 24.69 1.29
N ALA A 340 -14.64 25.40 0.70
CA ALA A 340 -15.46 26.25 1.52
C ALA A 340 -16.35 25.46 2.43
N ASP A 341 -16.97 24.38 1.89
CA ASP A 341 -17.83 23.54 2.72
C ASP A 341 -16.98 22.91 3.81
N LEU A 342 -15.79 22.52 3.38
CA LEU A 342 -14.88 21.93 4.34
C LEU A 342 -14.60 22.97 5.39
N LEU A 343 -14.39 24.22 4.97
CA LEU A 343 -14.08 25.22 6.00
C LEU A 343 -15.26 25.69 6.78
N SER A 344 -16.43 25.19 6.45
CA SER A 344 -17.63 25.65 7.13
C SER A 344 -17.80 25.19 8.56
N CYS A 345 -16.99 24.31 9.05
CA CYS A 345 -17.15 23.84 10.41
C CYS A 345 -17.04 24.86 11.55
N GLY A 346 -16.50 26.06 11.42
CA GLY A 346 -16.45 26.86 12.63
C GLY A 346 -15.11 26.73 13.32
N LEU A 347 -15.03 27.20 14.54
CA LEU A 347 -13.74 27.15 15.21
C LEU A 347 -13.67 25.92 16.06
N GLN A 348 -12.55 25.24 16.07
CA GLN A 348 -12.58 24.08 16.95
C GLN A 348 -11.28 23.75 17.60
N ASP A 349 -11.40 22.77 18.46
CA ASP A 349 -10.26 22.27 19.17
C ASP A 349 -9.62 21.24 18.23
N GLU A 350 -8.34 21.07 18.36
CA GLU A 350 -7.62 20.14 17.54
C GLU A 350 -8.15 18.71 17.50
N GLY A 351 -8.70 18.17 18.56
CA GLY A 351 -9.22 16.80 18.39
C GLY A 351 -8.24 15.66 18.70
N LEU A 352 -7.20 16.02 19.43
CA LEU A 352 -6.21 15.07 19.83
C LEU A 352 -6.19 14.92 21.35
N PRO A 353 -6.29 13.66 21.85
CA PRO A 353 -6.28 13.39 23.30
C PRO A 353 -4.94 13.57 23.91
N PRO A 354 -4.87 13.74 25.22
CA PRO A 354 -3.53 13.85 25.79
C PRO A 354 -2.87 12.48 25.74
N LEU A 355 -1.55 12.45 25.71
CA LEU A 355 -0.81 11.22 25.74
C LEU A 355 -0.49 10.84 27.19
N PHE A 356 -0.27 11.86 27.92
CA PHE A 356 0.14 11.76 29.30
C PHE A 356 -0.82 12.54 30.10
N LYS A 357 -1.21 11.91 31.17
CA LYS A 357 -2.14 12.54 32.07
C LYS A 357 -1.42 13.54 33.00
#